data_9DPM
#
_entry.id   9DPM
#
_cell.length_a   71.863
_cell.length_b   71.863
_cell.length_c   144.606
_cell.angle_alpha   90.000
_cell.angle_beta   90.000
_cell.angle_gamma   90.000
#
_symmetry.space_group_name_H-M   'I 41 2 2'
#
loop_
_entity.id
_entity.type
_entity.pdbx_description
1 polymer 'Growth/differentiation factor 2'
2 non-polymer CYSTEINE
3 non-polymer 'SODIUM ION'
4 non-polymer 'CHLORIDE ION'
5 water water
#
_entity_poly.entity_id   1
_entity_poly.type   'polypeptide(L)'
_entity_poly.pdbx_seq_one_letter_code
;SSGAGSHCQKTSLRVNFEDIGWDSWIIAPKEYEAYECKGGCFFPLADDVTPTKHAIVQTLVHLKFPTKVGKACCVPTKLS
PISVLYKDDMGVPTLKYHYEGMSVAECGCR
;
_entity_poly.pdbx_strand_id   A
#
loop_
_chem_comp.id
_chem_comp.type
_chem_comp.name
_chem_comp.formula
CL non-polymer 'CHLORIDE ION' 'Cl -1'
NA non-polymer 'SODIUM ION' 'Na 1'
#
# COMPACT_ATOMS: atom_id res chain seq x y z
N GLY A 5 14.78 15.28 2.46
CA GLY A 5 14.03 14.19 3.06
C GLY A 5 13.73 13.05 2.09
N SER A 6 12.47 12.96 1.64
CA SER A 6 12.01 12.07 0.57
C SER A 6 12.03 10.60 0.95
N HIS A 7 12.02 10.29 2.25
CA HIS A 7 12.01 8.93 2.72
C HIS A 7 10.62 8.30 2.54
N CYS A 8 10.55 7.00 2.78
CA CYS A 8 9.34 6.22 2.56
C CYS A 8 8.27 6.55 3.59
N GLN A 9 7.08 6.93 3.13
CA GLN A 9 6.03 7.31 4.07
C GLN A 9 4.65 7.16 3.44
N LYS A 10 3.62 7.25 4.27
CA LYS A 10 2.24 7.14 3.84
C LYS A 10 1.77 8.49 3.29
N THR A 11 1.16 8.47 2.10
CA THR A 11 0.59 9.66 1.48
C THR A 11 -0.81 9.34 1.00
N SER A 12 -1.54 10.39 0.60
CA SER A 12 -2.93 10.23 0.24
C SER A 12 -3.08 9.64 -1.16
N LEU A 13 -4.07 8.76 -1.31
CA LEU A 13 -4.42 8.21 -2.62
C LEU A 13 -5.91 7.88 -2.58
N ARG A 14 -6.73 8.75 -3.17
CA ARG A 14 -8.16 8.51 -3.28
C ARG A 14 -8.43 7.67 -4.53
N VAL A 15 -9.04 6.51 -4.33
CA VAL A 15 -9.30 5.55 -5.40
C VAL A 15 -10.78 5.57 -5.74
N ASN A 16 -11.09 5.77 -7.03
CA ASN A 16 -12.45 5.75 -7.53
C ASN A 16 -12.72 4.36 -8.12
N PHE A 17 -13.77 3.69 -7.62
CA PHE A 17 -13.99 2.30 -7.99
C PHE A 17 -14.37 2.13 -9.45
N GLU A 18 -14.97 3.17 -10.04
CA GLU A 18 -15.29 3.12 -11.47
C GLU A 18 -14.03 3.20 -12.32
N ASP A 19 -13.04 3.98 -11.89
CA ASP A 19 -11.78 4.08 -12.62
C ASP A 19 -11.10 2.72 -12.75
N ILE A 20 -11.22 1.86 -11.74
CA ILE A 20 -10.53 0.58 -11.72
C ILE A 20 -11.47 -0.58 -12.06
N GLY A 21 -12.64 -0.29 -12.61
CA GLY A 21 -13.56 -1.32 -13.07
C GLY A 21 -14.20 -2.17 -11.99
N TRP A 22 -14.40 -1.62 -10.79
CA TRP A 22 -15.00 -2.37 -9.70
C TRP A 22 -16.41 -1.91 -9.34
N ASP A 23 -16.89 -0.82 -9.94
CA ASP A 23 -18.27 -0.39 -9.73
C ASP A 23 -19.29 -1.39 -10.23
N SER A 24 -18.85 -2.42 -10.96
CA SER A 24 -19.76 -3.48 -11.37
C SER A 24 -20.29 -4.27 -10.18
N TRP A 25 -19.55 -4.30 -9.07
CA TRP A 25 -19.97 -5.06 -7.91
C TRP A 25 -19.87 -4.29 -6.59
N ILE A 26 -19.35 -3.07 -6.61
CA ILE A 26 -19.30 -2.23 -5.41
C ILE A 26 -20.24 -1.06 -5.63
N ILE A 27 -21.38 -1.08 -4.92
CA ILE A 27 -22.37 -0.03 -5.08
C ILE A 27 -21.96 1.23 -4.32
N ALA A 28 -21.34 1.08 -3.15
CA ALA A 28 -20.96 2.22 -2.34
C ALA A 28 -19.79 1.80 -1.45
N PRO A 29 -18.88 2.72 -1.14
CA PRO A 29 -18.84 4.13 -1.57
C PRO A 29 -18.37 4.28 -3.02
N LYS A 30 -18.46 5.48 -3.59
CA LYS A 30 -17.94 5.69 -4.93
C LYS A 30 -16.41 5.75 -4.93
N GLU A 31 -15.84 6.39 -3.91
CA GLU A 31 -14.40 6.52 -3.75
C GLU A 31 -14.05 6.22 -2.30
N TYR A 32 -12.76 5.98 -2.05
CA TYR A 32 -12.28 5.80 -0.70
C TYR A 32 -10.80 6.19 -0.65
N GLU A 33 -10.31 6.39 0.57
CA GLU A 33 -8.92 6.77 0.81
C GLU A 33 -8.11 5.49 1.03
N ALA A 34 -7.36 5.08 0.02
CA ALA A 34 -6.55 3.87 0.11
C ALA A 34 -5.14 4.14 0.62
N TYR A 35 -4.67 5.38 0.50
CA TYR A 35 -3.29 5.75 0.82
C TYR A 35 -2.30 5.05 -0.10
N GLU A 36 -1.06 5.54 -0.09
CA GLU A 36 0.00 5.02 -0.94
C GLU A 36 1.30 5.22 -0.18
N CYS A 37 2.26 4.33 -0.40
CA CYS A 37 3.58 4.45 0.21
C CYS A 37 4.51 5.04 -0.85
N LYS A 38 4.90 6.30 -0.66
CA LYS A 38 5.75 7.01 -1.59
C LYS A 38 7.11 7.27 -0.95
N GLY A 39 8.10 7.52 -1.80
CA GLY A 39 9.45 7.76 -1.37
C GLY A 39 10.34 6.55 -1.58
N GLY A 40 11.60 6.72 -1.17
CA GLY A 40 12.61 5.73 -1.41
C GLY A 40 13.18 5.20 -0.10
N CYS A 41 13.94 4.13 -0.25
CA CYS A 41 14.61 3.45 0.85
C CYS A 41 16.10 3.63 0.55
N PHE A 42 16.78 4.50 1.28
CA PHE A 42 18.21 4.62 1.07
C PHE A 42 18.80 5.23 2.35
N PHE A 43 20.08 4.96 2.56
CA PHE A 43 20.72 5.39 3.79
C PHE A 43 20.90 6.91 3.79
N PRO A 44 20.64 7.58 4.93
CA PRO A 44 20.22 7.02 6.22
C PRO A 44 18.77 6.54 6.25
N LEU A 45 18.47 5.44 6.95
CA LEU A 45 17.15 4.82 6.93
C LEU A 45 16.46 5.12 8.26
N ALA A 46 15.47 6.02 8.22
CA ALA A 46 14.71 6.47 9.38
C ALA A 46 14.07 5.35 10.21
N ASP A 47 13.79 5.62 11.49
CA ASP A 47 13.25 4.59 12.38
C ASP A 47 11.87 4.13 11.92
N ASP A 48 11.09 5.03 11.34
CA ASP A 48 9.69 4.76 11.04
C ASP A 48 9.45 3.87 9.82
N VAL A 49 10.50 3.46 9.09
CA VAL A 49 10.26 2.53 7.98
C VAL A 49 10.55 1.10 8.42
N THR A 50 10.81 0.91 9.73
CA THR A 50 11.08 -0.38 10.38
C THR A 50 11.87 -1.34 9.50
N PRO A 51 13.09 -0.99 9.08
CA PRO A 51 13.78 -1.79 8.06
C PRO A 51 14.16 -3.16 8.57
N THR A 52 13.87 -4.19 7.75
CA THR A 52 14.34 -5.53 8.06
C THR A 52 15.83 -5.63 7.80
N LYS A 53 16.45 -6.68 8.35
CA LYS A 53 17.87 -6.90 8.11
C LYS A 53 18.14 -7.16 6.63
N HIS A 54 17.23 -7.88 5.96
CA HIS A 54 17.43 -8.14 4.54
C HIS A 54 17.33 -6.87 3.72
N ALA A 55 16.39 -5.98 4.07
CA ALA A 55 16.28 -4.71 3.35
C ALA A 55 17.54 -3.87 3.52
N ILE A 56 18.15 -3.92 4.72
CA ILE A 56 19.40 -3.21 4.94
C ILE A 56 20.51 -3.84 4.11
N VAL A 57 20.62 -5.16 4.14
CA VAL A 57 21.65 -5.85 3.36
C VAL A 57 21.45 -5.57 1.87
N GLN A 58 20.21 -5.67 1.39
CA GLN A 58 19.96 -5.44 -0.03
C GLN A 58 20.33 -4.01 -0.44
N THR A 59 20.03 -3.03 0.42
CA THR A 59 20.40 -1.65 0.11
C THR A 59 21.90 -1.50 -0.01
N LEU A 60 22.66 -2.13 0.89
CA LEU A 60 24.11 -2.08 0.81
C LEU A 60 24.62 -2.74 -0.46
N VAL A 61 24.08 -3.90 -0.81
CA VAL A 61 24.52 -4.59 -2.02
C VAL A 61 24.13 -3.79 -3.26
N HIS A 62 22.97 -3.14 -3.22
CA HIS A 62 22.55 -2.31 -4.35
C HIS A 62 23.51 -1.14 -4.56
N LEU A 63 23.98 -0.53 -3.47
CA LEU A 63 24.95 0.55 -3.62
C LEU A 63 26.24 0.04 -4.26
N LYS A 64 26.64 -1.18 -3.93
CA LYS A 64 27.94 -1.67 -4.47
C LYS A 64 27.76 -2.17 -5.90
N PHE A 65 26.59 -2.71 -6.23
CA PHE A 65 26.33 -3.23 -7.57
C PHE A 65 24.99 -2.71 -8.04
N PRO A 66 24.93 -1.44 -8.47
CA PRO A 66 23.63 -0.84 -8.80
C PRO A 66 22.92 -1.49 -9.97
N THR A 67 23.66 -2.05 -10.93
CA THR A 67 23.07 -2.61 -12.14
C THR A 67 22.73 -4.09 -12.02
N LYS A 68 23.18 -4.78 -10.97
CA LYS A 68 22.95 -6.20 -10.84
C LYS A 68 21.98 -6.57 -9.72
N VAL A 69 21.82 -5.72 -8.71
CA VAL A 69 20.96 -6.00 -7.57
C VAL A 69 20.00 -4.83 -7.37
N GLY A 70 18.74 -5.14 -7.13
CA GLY A 70 17.77 -4.08 -6.95
C GLY A 70 17.81 -3.44 -5.58
N LYS A 71 17.10 -2.33 -5.45
CA LYS A 71 17.01 -1.58 -4.21
CA LYS A 71 17.00 -1.58 -4.21
C LYS A 71 15.95 -2.20 -3.30
N ALA A 72 15.98 -1.77 -2.04
CA ALA A 72 14.89 -2.07 -1.11
C ALA A 72 13.66 -1.24 -1.51
N CYS A 73 12.47 -1.76 -1.22
CA CYS A 73 11.24 -1.17 -1.72
C CYS A 73 10.40 -0.55 -0.62
N CYS A 74 9.82 0.60 -0.91
CA CYS A 74 8.88 1.29 -0.03
C CYS A 74 7.49 0.72 -0.28
N VAL A 75 6.96 -0.03 0.68
CA VAL A 75 5.73 -0.78 0.48
C VAL A 75 4.84 -0.62 1.70
N PRO A 76 3.54 -0.87 1.55
CA PRO A 76 2.68 -1.02 2.73
C PRO A 76 3.10 -2.25 3.53
N THR A 77 3.24 -2.07 4.84
CA THR A 77 3.58 -3.16 5.74
C THR A 77 2.44 -3.53 6.68
N LYS A 78 1.37 -2.74 6.71
CA LYS A 78 0.19 -3.04 7.49
C LYS A 78 -1.00 -2.42 6.79
N LEU A 79 -2.10 -3.17 6.69
CA LEU A 79 -3.28 -2.73 5.98
C LEU A 79 -4.49 -2.70 6.92
N SER A 80 -5.47 -1.86 6.55
CA SER A 80 -6.70 -1.68 7.30
C SER A 80 -7.91 -1.97 6.41
N PRO A 81 -9.02 -2.43 6.98
CA PRO A 81 -10.22 -2.68 6.20
C PRO A 81 -11.08 -1.43 6.03
N ILE A 82 -12.00 -1.52 5.07
CA ILE A 82 -13.07 -0.55 4.90
C ILE A 82 -14.37 -1.32 4.79
N SER A 83 -15.48 -0.58 4.83
CA SER A 83 -16.79 -1.16 4.63
C SER A 83 -17.24 -0.84 3.21
N VAL A 84 -17.76 -1.85 2.50
CA VAL A 84 -18.28 -1.67 1.16
C VAL A 84 -19.70 -2.22 1.11
N LEU A 85 -20.51 -1.61 0.25
CA LEU A 85 -21.85 -2.09 -0.05
C LEU A 85 -21.79 -2.76 -1.42
N TYR A 86 -22.00 -4.07 -1.44
CA TYR A 86 -21.88 -4.84 -2.67
C TYR A 86 -23.20 -5.53 -3.00
N LYS A 87 -23.34 -5.91 -4.26
CA LYS A 87 -24.47 -6.69 -4.74
C LYS A 87 -24.07 -8.16 -4.67
N ASP A 88 -24.89 -8.97 -4.01
CA ASP A 88 -24.58 -10.37 -3.77
C ASP A 88 -25.03 -11.17 -5.00
N ASP A 89 -24.93 -12.50 -4.90
CA ASP A 89 -25.35 -13.37 -6.00
C ASP A 89 -26.81 -13.20 -6.38
N MET A 90 -27.63 -12.67 -5.49
CA MET A 90 -29.04 -12.41 -5.75
C MET A 90 -29.28 -10.97 -6.23
N GLY A 91 -28.24 -10.16 -6.31
CA GLY A 91 -28.38 -8.77 -6.69
C GLY A 91 -28.81 -7.84 -5.58
N VAL A 92 -28.94 -8.33 -4.35
CA VAL A 92 -29.42 -7.51 -3.24
C VAL A 92 -28.23 -6.78 -2.63
N PRO A 93 -28.35 -5.48 -2.36
CA PRO A 93 -27.26 -4.76 -1.68
C PRO A 93 -26.97 -5.37 -0.32
N THR A 94 -25.70 -5.74 -0.11
CA THR A 94 -25.25 -6.38 1.11
C THR A 94 -24.02 -5.65 1.64
N LEU A 95 -23.97 -5.48 2.96
CA LEU A 95 -22.84 -4.79 3.59
C LEU A 95 -21.76 -5.80 3.95
N LYS A 96 -20.52 -5.50 3.55
CA LYS A 96 -19.33 -6.18 4.05
C LYS A 96 -18.66 -5.20 5.00
N TYR A 97 -18.75 -5.49 6.30
CA TYR A 97 -18.37 -4.51 7.30
C TYR A 97 -16.86 -4.29 7.32
N HIS A 98 -16.09 -5.37 7.37
CA HIS A 98 -14.62 -5.30 7.38
C HIS A 98 -14.09 -5.96 6.12
N TYR A 99 -14.01 -5.19 5.03
CA TYR A 99 -13.40 -5.66 3.78
C TYR A 99 -11.90 -5.43 3.89
N GLU A 100 -11.17 -6.49 4.22
CA GLU A 100 -9.79 -6.35 4.70
C GLU A 100 -8.83 -6.00 3.56
N GLY A 101 -7.73 -5.35 3.94
CA GLY A 101 -6.61 -5.12 3.05
C GLY A 101 -6.76 -3.99 2.07
N MET A 102 -7.64 -3.02 2.34
CA MET A 102 -7.97 -2.01 1.36
C MET A 102 -7.22 -0.69 1.56
N SER A 103 -6.75 -0.39 2.77
CA SER A 103 -6.12 0.90 3.06
CA SER A 103 -6.12 0.89 3.06
C SER A 103 -4.80 0.69 3.79
N VAL A 104 -3.82 1.53 3.47
CA VAL A 104 -2.51 1.42 4.11
C VAL A 104 -2.60 1.94 5.53
N ALA A 105 -2.14 1.13 6.49
CA ALA A 105 -1.98 1.58 7.87
C ALA A 105 -0.56 2.02 8.17
N GLU A 106 0.45 1.30 7.69
CA GLU A 106 1.85 1.65 7.89
C GLU A 106 2.65 1.34 6.62
N CYS A 107 3.69 2.13 6.40
CA CYS A 107 4.64 1.93 5.31
C CYS A 107 5.98 1.50 5.86
N GLY A 108 6.77 0.82 5.03
CA GLY A 108 8.09 0.40 5.45
C GLY A 108 8.95 0.02 4.28
N CYS A 109 10.24 -0.12 4.56
CA CYS A 109 11.23 -0.53 3.57
C CYS A 109 11.47 -2.02 3.72
N ARG A 110 11.30 -2.76 2.62
CA ARG A 110 11.35 -4.22 2.65
C ARG A 110 12.18 -4.78 1.49
N CYS B . 12.24 -4.21 -7.29
CA CYS B . 10.89 -3.88 -6.88
C CYS B . 9.96 -4.10 -8.06
O CYS B . 10.39 -3.99 -9.21
CB CYS B . 10.78 -2.42 -6.44
SG CYS B . 11.87 -1.98 -5.05
OXT CYS B . 8.78 -4.36 -7.87
H1 CYS B . 12.82 -3.83 -6.73
H2 CYS B . 12.35 -5.09 -7.27
H3 CYS B . 12.39 -3.91 -8.11
HA CYS B . 10.64 -4.43 -6.13
HB2 CYS B . 10.99 -1.84 -7.19
HB3 CYS B . 9.85 -2.24 -6.18
NA NA C . 27.01 -2.83 -10.99
NA NA D . -16.85 -2.03 14.72
NA NA E . -9.11 6.36 -8.89
CL CL F . -12.44 -9.35 3.48
CL CL G . 14.49 -8.22 10.45
CL CL H . -17.02 -8.22 7.87
#